data_1KI7
#
_entry.id   1KI7
#
_cell.length_a   113.600
_cell.length_b   116.600
_cell.length_c   108.400
_cell.angle_alpha   90.00
_cell.angle_beta   90.00
_cell.angle_gamma   90.00
#
_symmetry.space_group_name_H-M   'C 2 2 21'
#
loop_
_entity.id
_entity.type
_entity.pdbx_description
1 polymer 'THYMIDINE KINASE'
2 non-polymer 'SULFATE ION'
3 non-polymer 5-IODODEOXYURIDINE
4 water water
#
_entity_poly.entity_id   1
_entity_poly.type   'polypeptide(L)'
_entity_poly.pdbx_seq_one_letter_code
;MPTLLRVYIDGPHGMGKTTTTQLLVALGSRDDIVYVPEPMTYWRVLGASETIANIYTTQHRLDQGEISAGDAAVVMTSAQ
ITMGMPYAVTDAVLAPHIGGEAGSSHAPPPALTLIFDRHPIAALLCYPAARYLMGSMTPQAVLAFVALIPPTLPGTNIVL
GALPEDRHIDRLAKRQRPGERLDLAMLAAIRRVYGLLANTVRYLQCGGSWREDWGQLSGTAVPPQGAEPQSNAGPRPHIG
DTLFTLFRAPELLAPNGDLYNVFAWALDVLAKRLRSMHVFILDYDQSPAGCRDALLQLTSGMVQTHVTTPGSIPTICDLA
RTFAREMGEAN
;
_entity_poly.pdbx_strand_id   A,B
#
loop_
_chem_comp.id
_chem_comp.type
_chem_comp.name
_chem_comp.formula
ID2 non-polymer 5-IODODEOXYURIDINE 'C9 H11 I N2 O5'
SO4 non-polymer 'SULFATE ION' 'O4 S -2'
#
# COMPACT_ATOMS: atom_id res chain seq x y z
N MET A 1 -7.98 -27.94 12.26
CA MET A 1 -6.86 -26.97 12.51
C MET A 1 -7.27 -26.06 13.67
N PRO A 2 -6.31 -25.60 14.50
CA PRO A 2 -6.64 -24.73 15.64
C PRO A 2 -7.30 -23.44 15.17
N THR A 3 -8.04 -22.80 16.06
CA THR A 3 -8.73 -21.55 15.75
C THR A 3 -8.08 -20.36 16.45
N LEU A 4 -8.08 -19.22 15.77
CA LEU A 4 -7.51 -17.99 16.30
C LEU A 4 -8.57 -16.90 16.35
N LEU A 5 -8.47 -16.02 17.33
CA LEU A 5 -9.40 -14.90 17.45
C LEU A 5 -8.57 -13.62 17.38
N ARG A 6 -8.81 -12.77 16.37
CA ARG A 6 -8.08 -11.52 16.25
C ARG A 6 -8.98 -10.39 16.70
N VAL A 7 -8.45 -9.48 17.50
CA VAL A 7 -9.24 -8.39 18.02
C VAL A 7 -8.42 -7.14 17.84
N TYR A 8 -8.93 -6.19 17.08
CA TYR A 8 -8.19 -4.96 16.86
C TYR A 8 -8.84 -3.84 17.63
N ILE A 9 -8.20 -3.40 18.70
CA ILE A 9 -8.75 -2.30 19.50
C ILE A 9 -8.45 -0.98 18.76
N ASP A 10 -9.48 -0.30 18.25
CA ASP A 10 -9.29 0.95 17.52
C ASP A 10 -10.30 2.08 17.88
N GLY A 11 -9.97 3.29 17.45
CA GLY A 11 -10.82 4.42 17.71
C GLY A 11 -9.93 5.63 17.88
N PRO A 12 -10.47 6.81 18.24
CA PRO A 12 -9.65 8.00 18.43
C PRO A 12 -8.72 7.79 19.61
N HIS A 13 -7.65 8.58 19.64
CA HIS A 13 -6.65 8.54 20.70
C HIS A 13 -7.15 9.28 21.94
N GLY A 14 -6.61 8.88 23.10
CA GLY A 14 -7.00 9.51 24.35
C GLY A 14 -8.29 9.00 24.96
N MET A 15 -8.68 7.76 24.65
CA MET A 15 -9.90 7.19 25.19
C MET A 15 -9.67 6.19 26.31
N GLY A 16 -8.46 5.64 26.37
CA GLY A 16 -8.08 4.65 27.36
C GLY A 16 -7.95 3.23 26.80
N LYS A 17 -7.93 3.12 25.48
CA LYS A 17 -7.84 1.83 24.76
C LYS A 17 -6.70 0.99 25.29
N THR A 18 -5.50 1.46 25.00
CA THR A 18 -4.28 0.78 25.39
C THR A 18 -4.19 0.60 26.88
N THR A 19 -4.46 1.67 27.61
CA THR A 19 -4.39 1.64 29.07
C THR A 19 -5.46 0.80 29.79
N THR A 20 -6.24 0.03 29.04
CA THR A 20 -7.26 -0.87 29.60
C THR A 20 -7.19 -2.20 28.85
N THR A 21 -6.53 -2.22 27.70
CA THR A 21 -6.38 -3.48 26.97
C THR A 21 -5.16 -4.23 27.51
N GLN A 22 -4.15 -3.50 27.96
CA GLN A 22 -2.94 -4.13 28.53
C GLN A 22 -3.43 -4.90 29.76
N LEU A 23 -4.41 -4.30 30.44
CA LEU A 23 -5.06 -4.87 31.62
C LEU A 23 -5.55 -6.26 31.31
N LEU A 24 -6.29 -6.35 30.21
CA LEU A 24 -6.89 -7.56 29.69
C LEU A 24 -5.86 -8.68 29.73
N VAL A 25 -4.69 -8.42 29.36
N ASP A 32 -2.38 -18.17 25.56
CA ASP A 32 -3.68 -18.19 24.83
C ASP A 32 -4.15 -16.77 24.47
N ILE A 33 -3.54 -15.76 25.09
CA ILE A 33 -3.87 -14.36 24.81
C ILE A 33 -2.56 -13.56 24.71
N VAL A 34 -2.33 -12.95 23.55
CA VAL A 34 -1.14 -12.15 23.28
C VAL A 34 -1.59 -10.73 22.88
N TYR A 35 -0.74 -9.76 23.18
CA TYR A 35 -1.03 -8.37 22.96
C TYR A 35 0.02 -7.77 22.06
N VAL A 36 -0.42 -7.27 20.91
CA VAL A 36 0.43 -6.61 19.93
C VAL A 36 0.25 -5.13 20.22
N PRO A 37 1.14 -4.55 21.03
CA PRO A 37 1.14 -3.15 21.44
C PRO A 37 1.40 -2.16 20.32
N GLU A 38 1.37 -0.88 20.68
CA GLU A 38 1.59 0.21 19.72
C GLU A 38 3.06 0.31 19.36
N PRO A 39 3.39 0.36 18.04
CA PRO A 39 4.79 0.44 17.60
C PRO A 39 5.55 1.74 17.96
N MET A 40 5.44 2.17 19.21
CA MET A 40 6.08 3.41 19.66
C MET A 40 7.58 3.54 19.35
N THR A 41 8.36 2.47 19.48
CA THR A 41 9.79 2.55 19.18
C THR A 41 10.01 2.75 17.68
N TYR A 42 9.10 2.21 16.86
CA TYR A 42 9.22 2.38 15.40
C TYR A 42 8.88 3.83 15.02
N TRP A 43 7.89 4.41 15.69
CA TRP A 43 7.46 5.77 15.42
C TRP A 43 8.50 6.78 15.91
N ARG A 44 9.08 6.51 17.06
CA ARG A 44 10.10 7.39 17.62
C ARG A 44 11.50 7.23 17.11
N VAL A 45 11.90 5.99 16.80
CA VAL A 45 13.27 5.73 16.35
C VAL A 45 13.48 4.92 15.05
N LEU A 46 13.04 3.67 15.03
CA LEU A 46 13.27 2.79 13.90
C LEU A 46 12.93 3.26 12.46
N GLY A 47 11.72 3.79 12.25
CA GLY A 47 11.32 4.25 10.93
C GLY A 47 11.71 5.67 10.58
N ALA A 48 11.82 6.49 11.62
CA ALA A 48 12.18 7.90 11.53
C ALA A 48 12.22 8.34 13.00
N SER A 49 12.55 9.61 13.25
CA SER A 49 12.60 10.05 14.64
C SER A 49 11.45 10.95 15.06
N GLU A 50 10.82 10.59 16.16
CA GLU A 50 9.70 11.35 16.68
C GLU A 50 8.68 11.65 15.61
N THR A 51 8.12 10.61 15.00
CA THR A 51 7.12 10.83 13.98
C THR A 51 5.96 11.58 14.59
N ILE A 52 5.53 11.17 15.78
CA ILE A 52 4.40 11.80 16.46
C ILE A 52 4.62 13.31 16.61
N ALA A 53 5.82 13.68 17.05
CA ALA A 53 6.18 15.09 17.25
C ALA A 53 6.09 15.85 15.93
N ASN A 54 6.66 15.26 14.91
CA ASN A 54 6.68 15.83 13.58
C ASN A 54 5.27 16.10 13.04
N ILE A 55 4.33 15.20 13.31
CA ILE A 55 2.94 15.32 12.87
C ILE A 55 2.23 16.54 13.49
N TYR A 56 2.31 16.61 14.82
CA TYR A 56 1.70 17.68 15.62
C TYR A 56 2.35 19.05 15.40
N THR A 57 3.65 19.08 15.15
CA THR A 57 4.36 20.33 14.90
C THR A 57 3.96 20.92 13.54
N THR A 58 3.84 20.05 12.54
CA THR A 58 3.49 20.52 11.21
C THR A 58 2.08 21.10 11.22
N GLN A 59 1.17 20.44 11.96
CA GLN A 59 -0.18 20.97 12.01
C GLN A 59 -0.17 22.29 12.74
N HIS A 60 0.76 22.50 13.66
CA HIS A 60 0.85 23.76 14.38
C HIS A 60 1.37 24.87 13.47
N ARG A 61 2.42 24.59 12.72
CA ARG A 61 2.97 25.56 11.80
C ARG A 61 1.92 25.87 10.76
N LEU A 62 1.21 24.83 10.33
CA LEU A 62 0.13 25.01 9.37
C LEU A 62 -0.89 25.98 9.97
N ASP A 63 -1.47 25.59 11.10
CA ASP A 63 -2.46 26.39 11.81
C ASP A 63 -2.02 27.82 12.02
N GLN A 64 -0.73 28.00 12.31
CA GLN A 64 -0.18 29.34 12.56
C GLN A 64 0.25 30.09 11.30
N GLY A 65 0.01 29.50 10.14
CA GLY A 65 0.36 30.15 8.88
C GLY A 65 1.84 30.24 8.59
N GLU A 66 2.65 29.47 9.29
CA GLU A 66 4.07 29.51 9.06
C GLU A 66 4.45 28.69 7.82
N ILE A 67 3.60 27.74 7.43
CA ILE A 67 3.85 26.92 6.22
C ILE A 67 2.56 26.83 5.43
N SER A 68 2.63 26.22 4.24
CA SER A 68 1.44 26.11 3.39
C SER A 68 0.71 24.78 3.48
N ALA A 69 -0.53 24.77 2.97
CA ALA A 69 -1.34 23.56 2.94
C ALA A 69 -0.56 22.47 2.21
N GLY A 70 0.07 22.85 1.11
CA GLY A 70 0.88 21.92 0.33
C GLY A 70 2.12 21.42 1.07
N ASP A 71 2.70 22.25 1.94
CA ASP A 71 3.88 21.91 2.75
C ASP A 71 3.47 20.89 3.79
N ALA A 72 2.38 21.21 4.50
CA ALA A 72 1.85 20.34 5.54
C ALA A 72 1.45 18.98 4.99
N ALA A 73 0.94 18.98 3.76
CA ALA A 73 0.50 17.77 3.07
C ALA A 73 1.59 16.74 2.74
N VAL A 74 2.76 17.20 2.30
CA VAL A 74 3.86 16.30 1.96
C VAL A 74 4.53 15.80 3.20
N VAL A 75 4.55 16.65 4.20
CA VAL A 75 5.16 16.27 5.45
C VAL A 75 4.21 15.28 6.08
N MET A 76 2.92 15.59 6.06
CA MET A 76 1.90 14.73 6.65
C MET A 76 1.74 13.35 5.98
N THR A 77 1.78 13.30 4.64
CA THR A 77 1.66 12.03 3.91
C THR A 77 2.83 11.10 4.21
N SER A 78 4.03 11.66 4.11
CA SER A 78 5.30 10.97 4.37
C SER A 78 5.29 10.29 5.75
N ALA A 79 4.81 11.03 6.74
CA ALA A 79 4.74 10.54 8.10
C ALA A 79 3.70 9.49 8.32
N GLN A 80 2.62 9.51 7.53
CA GLN A 80 1.57 8.51 7.66
C GLN A 80 2.09 7.18 7.14
N ILE A 81 3.12 7.23 6.31
CA ILE A 81 3.73 6.01 5.79
C ILE A 81 4.49 5.38 6.97
N THR A 82 5.18 6.22 7.73
CA THR A 82 5.94 5.75 8.90
C THR A 82 5.01 5.18 9.98
N MET A 83 3.87 5.83 10.21
CA MET A 83 2.93 5.40 11.24
C MET A 83 2.28 4.02 11.07
N GLY A 84 1.97 3.65 9.84
CA GLY A 84 1.33 2.37 9.60
C GLY A 84 2.19 1.24 9.07
N MET A 85 3.51 1.45 9.00
CA MET A 85 4.46 0.44 8.48
C MET A 85 4.39 -0.85 9.27
N PRO A 86 4.54 -0.77 10.59
CA PRO A 86 4.47 -2.01 11.39
C PRO A 86 3.13 -2.72 11.26
N TYR A 87 2.04 -1.97 11.10
CA TYR A 87 0.68 -2.51 10.98
C TYR A 87 0.59 -3.24 9.64
N ALA A 88 1.19 -2.64 8.63
CA ALA A 88 1.22 -3.20 7.29
C ALA A 88 2.02 -4.50 7.17
N VAL A 89 3.26 -4.52 7.66
CA VAL A 89 4.02 -5.76 7.59
C VAL A 89 3.35 -6.87 8.38
N THR A 90 2.88 -6.55 9.58
CA THR A 90 2.22 -7.54 10.44
C THR A 90 1.07 -8.20 9.71
N ASP A 91 0.26 -7.41 9.01
CA ASP A 91 -0.85 -7.99 8.29
C ASP A 91 -0.32 -8.95 7.24
N ALA A 92 0.62 -8.46 6.43
CA ALA A 92 1.25 -9.19 5.34
C ALA A 92 1.90 -10.50 5.69
N VAL A 93 2.53 -10.55 6.85
CA VAL A 93 3.22 -11.74 7.33
C VAL A 93 2.23 -12.69 7.98
N LEU A 94 1.16 -12.12 8.49
CA LEU A 94 0.11 -12.86 9.16
C LEU A 94 -0.91 -13.45 8.18
N ALA A 95 -1.26 -12.68 7.15
CA ALA A 95 -2.24 -13.09 6.15
C ALA A 95 -2.24 -14.55 5.70
N PRO A 96 -1.05 -15.15 5.51
CA PRO A 96 -0.98 -16.56 5.06
C PRO A 96 -1.55 -17.63 6.03
N HIS A 97 -1.48 -17.34 7.32
CA HIS A 97 -1.91 -18.25 8.37
C HIS A 97 -3.37 -18.23 8.65
N ILE A 98 -4.06 -17.18 8.19
CA ILE A 98 -5.49 -17.02 8.44
C ILE A 98 -6.27 -17.90 7.50
N GLY A 99 -7.03 -18.81 8.08
CA GLY A 99 -7.83 -19.70 7.27
C GLY A 99 -9.23 -19.15 7.16
N GLY A 100 -10.23 -20.03 7.15
CA GLY A 100 -11.60 -19.58 7.03
C GLY A 100 -12.32 -19.46 8.35
N GLU A 101 -13.48 -18.81 8.33
CA GLU A 101 -14.27 -18.63 9.52
C GLU A 101 -14.50 -19.95 10.27
N ALA A 102 -14.42 -19.88 11.60
CA ALA A 102 -14.57 -21.06 12.44
C ALA A 102 -15.97 -21.33 12.99
N GLY A 103 -16.91 -21.71 12.11
CA GLY A 103 -18.28 -22.02 12.53
C GLY A 103 -18.72 -21.18 13.72
N SER A 104 -18.40 -19.89 13.58
CA SER A 104 -18.62 -18.83 14.56
C SER A 104 -19.89 -18.90 15.45
N SER A 105 -19.87 -19.68 16.45
N ALA A 107 -18.52 -22.03 18.82
CA ALA A 107 -17.40 -23.03 18.80
C ALA A 107 -16.62 -23.02 20.13
N PRO A 108 -15.63 -23.91 20.30
CA PRO A 108 -14.88 -23.90 21.57
C PRO A 108 -13.89 -22.71 21.64
N PRO A 109 -13.33 -22.48 22.83
CA PRO A 109 -12.38 -21.37 22.94
C PRO A 109 -11.23 -21.54 21.94
N PRO A 110 -10.84 -20.43 21.28
CA PRO A 110 -9.75 -20.47 20.30
C PRO A 110 -8.46 -20.94 20.93
N ALA A 111 -7.49 -21.29 20.08
CA ALA A 111 -6.20 -21.73 20.55
C ALA A 111 -5.41 -20.47 20.92
N LEU A 112 -5.68 -19.37 20.21
CA LEU A 112 -4.98 -18.11 20.47
C LEU A 112 -5.83 -16.88 20.17
N THR A 113 -5.72 -15.91 21.07
CA THR A 113 -6.40 -14.63 20.95
C THR A 113 -5.28 -13.63 20.77
N LEU A 114 -5.39 -12.82 19.72
CA LEU A 114 -4.39 -11.82 19.42
C LEU A 114 -5.05 -10.46 19.62
N ILE A 115 -4.57 -9.66 20.56
CA ILE A 115 -5.12 -8.34 20.80
C ILE A 115 -4.18 -7.37 20.12
N PHE A 116 -4.72 -6.54 19.23
CA PHE A 116 -3.89 -5.59 18.51
C PHE A 116 -4.20 -4.20 19.00
N ASP A 117 -3.18 -3.37 19.11
CA ASP A 117 -3.38 -1.99 19.50
C ASP A 117 -3.52 -1.30 18.14
N ARG A 118 -4.76 -1.25 17.67
CA ARG A 118 -5.14 -0.65 16.39
C ARG A 118 -5.02 -1.57 15.15
N HIS A 119 -5.77 -1.24 14.11
CA HIS A 119 -5.79 -2.00 12.87
C HIS A 119 -5.14 -1.17 11.76
N PRO A 120 -4.64 -1.81 10.69
CA PRO A 120 -4.01 -1.13 9.56
C PRO A 120 -4.81 0.07 9.00
N ILE A 121 -6.14 0.07 9.12
CA ILE A 121 -6.94 1.19 8.59
C ILE A 121 -6.80 2.47 9.36
N ALA A 122 -6.23 2.38 10.56
CA ALA A 122 -6.04 3.58 11.36
C ALA A 122 -5.12 4.55 10.65
N ALA A 123 -3.97 4.04 10.22
CA ALA A 123 -3.00 4.87 9.56
C ALA A 123 -3.24 4.95 8.07
N LEU A 124 -3.97 3.99 7.53
CA LEU A 124 -4.27 3.99 6.10
C LEU A 124 -5.55 4.74 5.72
N LEU A 125 -6.50 4.87 6.62
CA LEU A 125 -7.73 5.57 6.28
C LEU A 125 -8.16 6.67 7.27
N CYS A 126 -8.34 6.32 8.53
CA CYS A 126 -8.82 7.26 9.56
C CYS A 126 -7.96 8.49 9.81
N TYR A 127 -6.71 8.31 10.17
CA TYR A 127 -5.88 9.48 10.39
C TYR A 127 -5.67 10.26 9.10
N PRO A 128 -5.51 9.59 7.96
CA PRO A 128 -5.33 10.41 6.76
C PRO A 128 -6.59 11.22 6.49
N ALA A 129 -7.76 10.61 6.68
CA ALA A 129 -9.07 11.29 6.48
C ALA A 129 -9.25 12.47 7.45
N ALA A 130 -8.84 12.25 8.70
CA ALA A 130 -8.95 13.26 9.74
C ALA A 130 -8.00 14.43 9.47
N ARG A 131 -6.86 14.19 8.83
CA ARG A 131 -5.94 15.28 8.54
C ARG A 131 -6.39 16.07 7.32
N TYR A 132 -7.13 15.44 6.42
CA TYR A 132 -7.66 16.15 5.25
C TYR A 132 -8.69 17.11 5.82
N LEU A 133 -9.46 16.63 6.80
CA LEU A 133 -10.48 17.41 7.48
C LEU A 133 -9.83 18.53 8.25
N MET A 134 -8.52 18.48 8.43
CA MET A 134 -7.78 19.52 9.16
C MET A 134 -7.01 20.43 8.19
N GLY A 135 -7.10 20.15 6.90
CA GLY A 135 -6.39 20.96 5.92
C GLY A 135 -4.92 20.63 5.70
N SER A 136 -4.46 19.48 6.17
CA SER A 136 -3.06 19.13 5.98
C SER A 136 -2.78 17.92 5.07
N MET A 137 -3.83 17.33 4.49
CA MET A 137 -3.66 16.20 3.58
C MET A 137 -4.70 16.21 2.46
N THR A 138 -4.26 15.97 1.23
CA THR A 138 -5.12 15.96 0.04
C THR A 138 -6.03 14.74 -0.02
N PRO A 139 -7.29 14.93 -0.50
CA PRO A 139 -8.18 13.77 -0.58
C PRO A 139 -7.59 12.74 -1.56
N GLN A 140 -6.75 13.20 -2.50
CA GLN A 140 -6.10 12.28 -3.43
C GLN A 140 -5.11 11.39 -2.69
N ALA A 141 -4.39 11.95 -1.73
CA ALA A 141 -3.42 11.18 -0.96
C ALA A 141 -4.19 10.19 -0.11
N VAL A 142 -5.27 10.66 0.50
CA VAL A 142 -6.11 9.83 1.34
C VAL A 142 -6.57 8.60 0.55
N LEU A 143 -7.08 8.84 -0.66
CA LEU A 143 -7.56 7.77 -1.53
C LEU A 143 -6.42 6.87 -2.02
N ALA A 144 -5.18 7.35 -1.97
CA ALA A 144 -4.05 6.52 -2.37
C ALA A 144 -3.90 5.48 -1.28
N PHE A 145 -4.03 5.89 -0.04
CA PHE A 145 -3.92 4.96 1.09
C PHE A 145 -5.08 3.96 1.14
N VAL A 146 -6.28 4.41 0.79
CA VAL A 146 -7.42 3.50 0.77
C VAL A 146 -7.16 2.38 -0.24
N ALA A 147 -6.72 2.78 -1.42
CA ALA A 147 -6.37 1.89 -2.53
C ALA A 147 -5.30 0.86 -2.13
N LEU A 148 -4.56 1.19 -1.07
CA LEU A 148 -3.50 0.35 -0.58
C LEU A 148 -3.90 -0.45 0.66
N ILE A 149 -5.17 -0.41 1.05
CA ILE A 149 -5.62 -1.17 2.22
C ILE A 149 -5.58 -2.68 1.87
N PRO A 150 -4.96 -3.50 2.72
CA PRO A 150 -4.90 -4.93 2.42
C PRO A 150 -6.27 -5.56 2.42
N PRO A 151 -6.43 -6.67 1.69
CA PRO A 151 -7.74 -7.32 1.68
C PRO A 151 -8.11 -7.71 3.12
N THR A 152 -9.40 -7.64 3.43
CA THR A 152 -9.90 -7.97 4.75
C THR A 152 -10.02 -9.49 4.90
N LEU A 153 -9.16 -10.06 5.73
CA LEU A 153 -9.13 -11.49 5.98
C LEU A 153 -10.36 -11.84 6.78
N PRO A 154 -10.68 -13.15 6.88
CA PRO A 154 -11.85 -13.52 7.66
C PRO A 154 -11.46 -13.35 9.13
N GLY A 155 -12.44 -13.04 9.97
CA GLY A 155 -12.19 -12.87 11.40
C GLY A 155 -11.61 -11.55 11.82
N THR A 156 -11.84 -10.48 11.03
CA THR A 156 -11.34 -9.15 11.33
C THR A 156 -12.32 -8.42 12.22
N ASN A 157 -12.11 -8.52 13.55
CA ASN A 157 -12.96 -7.89 14.57
C ASN A 157 -12.35 -6.58 15.02
N ILE A 158 -13.07 -5.49 14.78
CA ILE A 158 -12.63 -4.14 15.12
C ILE A 158 -13.51 -3.62 16.23
N VAL A 159 -12.91 -3.26 17.36
CA VAL A 159 -13.65 -2.70 18.49
C VAL A 159 -13.33 -1.24 18.44
N LEU A 160 -14.38 -0.43 18.31
CA LEU A 160 -14.18 1.02 18.23
C LEU A 160 -14.61 1.56 19.57
N GLY A 161 -14.04 2.70 19.98
CA GLY A 161 -14.37 3.28 21.26
C GLY A 161 -15.49 4.31 21.35
N ALA A 162 -16.21 4.29 22.47
CA ALA A 162 -17.34 5.21 22.74
C ALA A 162 -17.12 6.01 24.03
N LEU A 163 -17.10 7.34 23.94
CA LEU A 163 -16.87 8.21 25.11
C LEU A 163 -17.32 9.63 24.78
N PRO A 164 -18.02 10.32 25.72
CA PRO A 164 -18.50 11.69 25.49
C PRO A 164 -17.31 12.63 25.25
N GLU A 165 -17.54 13.68 24.49
CA GLU A 165 -16.44 14.57 24.19
C GLU A 165 -15.70 15.16 25.38
N ASP A 166 -16.40 15.91 26.23
CA ASP A 166 -15.80 16.55 27.40
C ASP A 166 -14.92 15.60 28.23
N ARG A 167 -15.36 14.34 28.28
CA ARG A 167 -14.69 13.27 29.00
C ARG A 167 -13.44 12.77 28.22
N HIS A 168 -13.55 12.73 26.89
CA HIS A 168 -12.45 12.32 26.02
C HIS A 168 -11.33 13.39 26.09
N ILE A 169 -11.74 14.63 26.26
CA ILE A 169 -10.81 15.74 26.38
C ILE A 169 -10.03 15.58 27.70
N ASP A 170 -10.72 15.17 28.76
CA ASP A 170 -10.09 14.94 30.06
C ASP A 170 -9.07 13.80 29.95
N ARG A 171 -9.46 12.70 29.32
CA ARG A 171 -8.53 11.60 29.13
C ARG A 171 -7.41 12.10 28.25
N LEU A 172 -7.74 12.56 27.05
CA LEU A 172 -6.72 13.05 26.12
C LEU A 172 -5.68 13.92 26.86
N ALA A 173 -6.13 14.71 27.84
CA ALA A 173 -5.23 15.58 28.59
C ALA A 173 -4.16 14.78 29.29
N LYS A 174 -4.41 13.48 29.48
CA LYS A 174 -3.46 12.59 30.16
C LYS A 174 -2.67 11.70 29.19
N ARG A 175 -3.34 11.12 28.18
CA ARG A 175 -2.68 10.26 27.18
C ARG A 175 -1.82 11.05 26.18
N GLN A 176 -1.03 11.96 26.72
CA GLN A 176 -0.16 12.78 25.91
C GLN A 176 1.13 12.11 25.40
N ARG A 177 1.09 11.65 24.14
CA ARG A 177 2.25 10.98 23.52
C ARG A 177 3.43 11.93 23.48
N PRO A 178 4.65 11.39 23.39
CA PRO A 178 5.82 12.28 23.33
C PRO A 178 5.75 13.06 22.02
N GLY A 179 5.77 14.39 22.12
CA GLY A 179 5.69 15.22 20.92
C GLY A 179 4.28 15.70 20.61
N GLU A 180 3.29 15.08 21.24
CA GLU A 180 1.90 15.42 21.03
C GLU A 180 1.53 16.80 21.60
N ARG A 181 0.55 17.47 20.98
CA ARG A 181 0.06 18.78 21.44
C ARG A 181 -1.46 18.63 21.50
N LEU A 182 -2.09 19.09 22.58
CA LEU A 182 -3.55 18.98 22.70
C LEU A 182 -4.14 19.82 21.60
N ASP A 183 -4.88 19.19 20.71
CA ASP A 183 -5.50 19.86 19.59
C ASP A 183 -6.90 19.31 19.59
N LEU A 184 -7.84 20.05 20.20
CA LEU A 184 -9.22 19.59 20.28
C LEU A 184 -9.91 19.52 18.91
N ALA A 185 -9.33 20.16 17.91
CA ALA A 185 -9.87 20.15 16.55
C ALA A 185 -9.54 18.79 15.91
N MET A 186 -8.30 18.34 16.10
CA MET A 186 -7.86 17.04 15.62
C MET A 186 -8.67 16.04 16.41
N LEU A 187 -8.93 16.34 17.69
CA LEU A 187 -9.73 15.46 18.51
C LEU A 187 -11.14 15.35 17.94
N ALA A 188 -11.67 16.46 17.41
CA ALA A 188 -13.00 16.42 16.85
C ALA A 188 -13.00 15.84 15.44
N ALA A 189 -11.94 16.13 14.66
CA ALA A 189 -11.81 15.59 13.30
C ALA A 189 -11.66 14.07 13.36
N ILE A 190 -10.91 13.60 14.36
CA ILE A 190 -10.68 12.17 14.53
C ILE A 190 -11.88 11.44 15.10
N ARG A 191 -12.62 12.10 15.99
CA ARG A 191 -13.81 11.49 16.56
C ARG A 191 -14.84 11.35 15.42
N ARG A 192 -15.03 12.40 14.63
CA ARG A 192 -15.99 12.36 13.50
C ARG A 192 -15.62 11.27 12.53
N VAL A 193 -14.36 11.26 12.10
CA VAL A 193 -13.90 10.23 11.19
C VAL A 193 -14.28 8.85 11.71
N TYR A 194 -13.95 8.56 12.97
CA TYR A 194 -14.28 7.23 13.52
C TYR A 194 -15.76 7.00 13.60
N GLY A 195 -16.51 8.10 13.74
CA GLY A 195 -17.97 8.01 13.81
C GLY A 195 -18.51 7.58 12.47
N LEU A 196 -18.06 8.27 11.44
CA LEU A 196 -18.47 7.97 10.08
C LEU A 196 -18.03 6.54 9.76
N LEU A 197 -16.85 6.13 10.24
CA LEU A 197 -16.38 4.78 10.01
C LEU A 197 -17.41 3.75 10.43
N ALA A 198 -17.95 3.90 11.63
CA ALA A 198 -18.96 2.95 12.14
C ALA A 198 -20.26 3.01 11.35
N ASN A 199 -20.55 4.18 10.79
CA ASN A 199 -21.74 4.36 10.01
C ASN A 199 -21.56 3.75 8.65
N THR A 200 -20.33 3.79 8.14
CA THR A 200 -20.04 3.25 6.82
C THR A 200 -20.24 1.75 6.75
N VAL A 201 -19.73 1.06 7.78
CA VAL A 201 -19.84 -0.39 7.88
C VAL A 201 -21.28 -0.85 7.89
N ARG A 202 -22.12 -0.20 8.69
CA ARG A 202 -23.56 -0.48 8.81
C ARG A 202 -24.26 -0.19 7.47
N TYR A 203 -23.87 0.91 6.84
CA TYR A 203 -24.40 1.31 5.56
C TYR A 203 -24.13 0.23 4.52
N LEU A 204 -22.87 -0.18 4.44
CA LEU A 204 -22.45 -1.22 3.53
C LEU A 204 -23.08 -2.58 3.89
N GLN A 205 -23.13 -2.90 5.17
CA GLN A 205 -23.71 -4.17 5.57
C GLN A 205 -25.24 -4.20 5.43
N CYS A 206 -25.87 -3.03 5.41
CA CYS A 206 -27.32 -2.99 5.23
C CYS A 206 -27.65 -2.91 3.73
N GLY A 207 -26.65 -3.12 2.90
CA GLY A 207 -26.86 -3.10 1.47
C GLY A 207 -26.84 -1.78 0.75
N GLY A 208 -26.14 -0.79 1.29
CA GLY A 208 -26.08 0.48 0.61
C GLY A 208 -25.08 0.48 -0.53
N SER A 209 -25.42 1.19 -1.59
CA SER A 209 -24.54 1.29 -2.72
C SER A 209 -24.18 2.77 -2.86
N TRP A 210 -22.92 3.13 -2.64
CA TRP A 210 -22.50 4.51 -2.74
C TRP A 210 -22.75 5.13 -4.11
N ARG A 211 -22.55 4.35 -5.17
CA ARG A 211 -22.75 4.84 -6.54
C ARG A 211 -24.20 5.21 -6.77
N GLU A 212 -25.08 4.40 -6.21
CA GLU A 212 -26.51 4.63 -6.31
C GLU A 212 -26.98 5.76 -5.37
N ASP A 213 -26.33 5.92 -4.22
CA ASP A 213 -26.72 6.97 -3.28
C ASP A 213 -25.93 8.27 -3.44
N TRP A 214 -24.88 8.27 -4.27
CA TRP A 214 -24.03 9.43 -4.48
C TRP A 214 -24.71 10.74 -4.85
N GLY A 215 -25.82 10.66 -5.57
CA GLY A 215 -26.53 11.85 -5.98
C GLY A 215 -27.06 12.75 -4.87
N GLN A 216 -26.60 12.55 -3.66
CA GLN A 216 -27.02 13.35 -2.52
C GLN A 216 -25.74 13.93 -1.89
N LEU A 217 -24.88 13.11 -1.50
N PRO A 235 -33.78 -0.12 6.92
CA PRO A 235 -33.14 1.23 6.79
C PRO A 235 -31.68 1.22 7.29
N ARG A 236 -30.88 2.18 6.81
CA ARG A 236 -29.48 2.31 7.18
C ARG A 236 -29.08 3.80 7.19
N PRO A 237 -27.85 4.13 7.63
CA PRO A 237 -27.41 5.54 7.66
C PRO A 237 -27.53 6.30 6.29
N HIS A 238 -27.61 7.62 6.35
CA HIS A 238 -27.69 8.39 5.12
C HIS A 238 -26.25 8.42 4.59
N ILE A 239 -26.08 8.40 3.28
CA ILE A 239 -24.74 8.41 2.72
C ILE A 239 -24.04 9.63 3.26
N GLY A 240 -24.81 10.66 3.57
CA GLY A 240 -24.24 11.89 4.09
C GLY A 240 -23.63 11.72 5.47
N ASP A 241 -23.92 10.57 6.10
CA ASP A 241 -23.41 10.24 7.42
C ASP A 241 -22.39 9.11 7.36
N THR A 242 -21.86 8.80 6.18
CA THR A 242 -20.87 7.73 6.05
C THR A 242 -19.58 8.37 5.58
N LEU A 243 -18.50 7.60 5.45
CA LEU A 243 -17.24 8.20 5.00
C LEU A 243 -17.29 8.72 3.59
N PHE A 244 -18.21 8.21 2.80
CA PHE A 244 -18.35 8.64 1.42
C PHE A 244 -18.57 10.13 1.30
N THR A 245 -19.11 10.77 2.33
CA THR A 245 -19.36 12.20 2.28
C THR A 245 -18.09 13.04 2.13
N LEU A 246 -16.98 12.54 2.65
CA LEU A 246 -15.72 13.26 2.61
C LEU A 246 -15.15 13.35 1.21
N PHE A 247 -15.49 12.37 0.38
CA PHE A 247 -14.94 12.32 -0.97
C PHE A 247 -15.72 13.01 -2.06
N ARG A 248 -16.58 13.92 -1.64
CA ARG A 248 -17.34 14.78 -2.54
C ARG A 248 -16.48 16.04 -2.53
N ALA A 249 -15.17 15.86 -2.49
CA ALA A 249 -14.24 16.97 -2.47
C ALA A 249 -14.02 17.47 -3.89
N PRO A 250 -13.94 18.80 -4.08
CA PRO A 250 -13.75 19.49 -5.35
C PRO A 250 -12.52 19.08 -6.15
N GLU A 251 -11.58 18.44 -5.47
CA GLU A 251 -10.38 18.00 -6.11
C GLU A 251 -10.62 16.67 -6.83
N LEU A 252 -11.57 15.90 -6.32
CA LEU A 252 -11.91 14.61 -6.87
C LEU A 252 -12.88 14.64 -8.05
N LEU A 253 -13.50 15.81 -8.25
CA LEU A 253 -14.54 16.01 -9.26
C LEU A 253 -14.12 16.70 -10.54
N ALA A 254 -14.64 16.17 -11.66
CA ALA A 254 -14.39 16.70 -12.99
C ALA A 254 -15.17 18.01 -13.14
N PRO A 255 -14.83 18.81 -14.15
CA PRO A 255 -15.52 20.07 -14.37
C PRO A 255 -17.07 20.01 -14.36
N ASN A 256 -17.66 18.84 -14.57
CA ASN A 256 -19.11 18.78 -14.52
C ASN A 256 -19.57 18.19 -13.22
N GLY A 257 -18.67 18.20 -12.24
CA GLY A 257 -18.99 17.69 -10.92
C GLY A 257 -18.84 16.19 -10.79
N ASP A 258 -18.48 15.54 -11.90
CA ASP A 258 -18.31 14.09 -11.93
C ASP A 258 -17.09 13.68 -11.15
N LEU A 259 -17.23 12.58 -10.42
CA LEU A 259 -16.14 12.01 -9.65
C LEU A 259 -15.29 11.32 -10.74
N TYR A 260 -13.98 11.51 -10.73
CA TYR A 260 -13.16 10.84 -11.73
C TYR A 260 -13.19 9.35 -11.40
N ASN A 261 -13.10 8.52 -12.42
CA ASN A 261 -13.15 7.08 -12.21
C ASN A 261 -12.10 6.51 -11.28
N VAL A 262 -10.86 7.00 -11.38
CA VAL A 262 -9.78 6.53 -10.50
C VAL A 262 -10.28 6.62 -9.07
N PHE A 263 -10.92 7.74 -8.76
CA PHE A 263 -11.44 7.99 -7.42
C PHE A 263 -12.64 7.16 -7.10
N ALA A 264 -13.51 6.96 -8.07
CA ALA A 264 -14.68 6.15 -7.83
C ALA A 264 -14.27 4.71 -7.60
N TRP A 265 -13.17 4.30 -8.23
CA TRP A 265 -12.63 2.93 -8.06
C TRP A 265 -11.97 2.80 -6.70
N ALA A 266 -11.46 3.91 -6.18
CA ALA A 266 -10.83 3.90 -4.86
C ALA A 266 -11.90 3.78 -3.81
N LEU A 267 -13.11 4.26 -4.14
CA LEU A 267 -14.29 4.18 -3.27
C LEU A 267 -14.93 2.80 -3.29
N ASP A 268 -14.88 2.12 -4.43
CA ASP A 268 -15.42 0.77 -4.53
C ASP A 268 -14.58 -0.11 -3.58
N VAL A 269 -13.26 0.09 -3.61
CA VAL A 269 -12.28 -0.61 -2.75
C VAL A 269 -12.56 -0.32 -1.27
N LEU A 270 -12.91 0.94 -0.93
CA LEU A 270 -13.22 1.28 0.46
C LEU A 270 -14.47 0.52 0.87
N ALA A 271 -15.42 0.36 -0.06
CA ALA A 271 -16.66 -0.35 0.21
C ALA A 271 -16.45 -1.84 0.47
N LYS A 272 -15.57 -2.42 -0.34
CA LYS A 272 -15.20 -3.83 -0.28
C LYS A 272 -14.46 -4.16 1.02
N ARG A 273 -13.46 -3.35 1.32
CA ARG A 273 -12.64 -3.55 2.51
C ARG A 273 -13.41 -3.46 3.83
N LEU A 274 -14.36 -2.52 3.91
CA LEU A 274 -15.11 -2.27 5.12
C LEU A 274 -16.34 -3.10 5.41
N ARG A 275 -16.98 -3.62 4.38
CA ARG A 275 -18.20 -4.37 4.60
C ARG A 275 -18.03 -5.72 5.25
N SER A 276 -16.86 -6.29 5.11
CA SER A 276 -16.59 -7.60 5.67
C SER A 276 -16.04 -7.54 7.09
N MET A 277 -15.71 -6.34 7.55
CA MET A 277 -15.19 -6.18 8.90
C MET A 277 -16.30 -6.32 9.92
N HIS A 278 -15.94 -6.78 11.10
CA HIS A 278 -16.91 -6.97 12.17
C HIS A 278 -16.57 -5.88 13.16
N VAL A 279 -17.53 -5.01 13.44
CA VAL A 279 -17.29 -3.88 14.35
C VAL A 279 -18.00 -3.99 15.70
N PHE A 280 -17.28 -3.71 16.79
CA PHE A 280 -17.85 -3.75 18.12
C PHE A 280 -17.59 -2.47 18.86
N ILE A 281 -18.60 -1.96 19.58
CA ILE A 281 -18.43 -0.73 20.36
C ILE A 281 -18.19 -1.01 21.87
N LEU A 282 -17.13 -0.40 22.38
CA LEU A 282 -16.76 -0.50 23.78
C LEU A 282 -16.91 0.90 24.34
N ASP A 283 -17.86 1.07 25.25
CA ASP A 283 -18.09 2.35 25.88
C ASP A 283 -16.91 2.54 26.83
N TYR A 284 -16.24 3.69 26.74
CA TYR A 284 -15.09 3.97 27.60
C TYR A 284 -15.38 4.80 28.85
N ASP A 285 -16.60 5.32 28.95
CA ASP A 285 -17.02 6.14 30.08
C ASP A 285 -17.26 5.28 31.30
N GLN A 286 -16.24 4.55 31.70
CA GLN A 286 -16.30 3.70 32.87
C GLN A 286 -14.85 3.44 33.36
N SER A 287 -14.71 2.66 34.43
CA SER A 287 -13.40 2.35 35.02
C SER A 287 -12.55 1.38 34.20
N PRO A 288 -11.21 1.51 34.31
CA PRO A 288 -10.30 0.64 33.57
C PRO A 288 -10.74 -0.79 33.74
N ALA A 289 -11.27 -1.10 34.90
CA ALA A 289 -11.75 -2.43 35.18
C ALA A 289 -12.92 -2.63 34.25
N GLY A 290 -13.94 -1.80 34.42
CA GLY A 290 -15.13 -1.87 33.58
C GLY A 290 -14.82 -1.95 32.10
N CYS A 291 -13.93 -1.09 31.60
CA CYS A 291 -13.54 -1.12 30.18
C CYS A 291 -12.99 -2.51 29.92
N ARG A 292 -12.03 -2.94 30.73
CA ARG A 292 -11.43 -4.26 30.60
C ARG A 292 -12.51 -5.32 30.66
N ASP A 293 -13.47 -5.12 31.55
CA ASP A 293 -14.55 -6.08 31.69
C ASP A 293 -15.43 -6.14 30.48
N ALA A 294 -15.74 -4.97 29.92
CA ALA A 294 -16.58 -4.88 28.72
C ALA A 294 -15.97 -5.56 27.49
N LEU A 295 -14.69 -5.28 27.24
CA LEU A 295 -13.96 -5.85 26.11
C LEU A 295 -14.03 -7.38 26.13
N LEU A 296 -14.03 -7.94 27.33
CA LEU A 296 -14.11 -9.39 27.51
C LEU A 296 -15.50 -9.92 27.09
N GLN A 297 -16.54 -9.13 27.34
CA GLN A 297 -17.92 -9.50 26.98
C GLN A 297 -18.16 -9.44 25.47
N LEU A 298 -17.67 -8.37 24.84
CA LEU A 298 -17.79 -8.17 23.39
C LEU A 298 -17.26 -9.40 22.68
N THR A 299 -16.22 -9.99 23.25
CA THR A 299 -15.52 -11.19 22.76
C THR A 299 -16.43 -12.31 22.25
N SER A 300 -17.57 -12.46 22.91
CA SER A 300 -18.54 -13.51 22.65
C SER A 300 -19.23 -13.53 21.29
N GLY A 301 -19.13 -12.46 20.53
CA GLY A 301 -19.76 -12.46 19.22
C GLY A 301 -18.80 -12.15 18.10
N MET A 302 -17.51 -12.21 18.40
CA MET A 302 -16.48 -11.90 17.42
C MET A 302 -16.27 -13.15 16.59
N VAL A 303 -15.88 -12.98 15.33
CA VAL A 303 -15.68 -14.14 14.47
C VAL A 303 -14.25 -14.64 14.45
N GLN A 304 -14.03 -15.86 14.90
CA GLN A 304 -12.70 -16.44 14.88
C GLN A 304 -12.48 -17.27 13.62
N THR A 305 -11.26 -17.75 13.45
CA THR A 305 -10.94 -18.49 12.27
C THR A 305 -9.94 -19.59 12.57
N HIS A 306 -9.68 -20.41 11.56
CA HIS A 306 -8.72 -21.49 11.71
C HIS A 306 -7.41 -21.02 11.15
N VAL A 307 -6.32 -21.59 11.65
CA VAL A 307 -5.02 -21.27 11.13
C VAL A 307 -4.86 -22.16 9.90
N THR A 308 -3.87 -21.87 9.08
CA THR A 308 -3.66 -22.59 7.84
C THR A 308 -2.66 -23.75 7.95
N THR A 309 -1.78 -23.70 8.94
CA THR A 309 -0.82 -24.76 9.14
C THR A 309 -0.76 -25.15 10.59
N PRO A 310 -0.12 -26.29 10.89
CA PRO A 310 0.00 -26.76 12.27
C PRO A 310 0.84 -25.80 13.09
N GLY A 311 1.89 -25.28 12.47
CA GLY A 311 2.77 -24.35 13.15
C GLY A 311 2.31 -22.91 13.15
N SER A 312 1.17 -22.63 12.53
CA SER A 312 0.66 -21.25 12.49
C SER A 312 0.58 -20.57 13.87
N ILE A 313 -0.05 -21.24 14.84
CA ILE A 313 -0.19 -20.69 16.19
C ILE A 313 1.15 -20.30 16.83
N PRO A 314 2.12 -21.23 16.90
CA PRO A 314 3.42 -20.92 17.50
C PRO A 314 4.12 -19.76 16.79
N THR A 315 4.10 -19.79 15.45
CA THR A 315 4.70 -18.73 14.65
C THR A 315 4.07 -17.35 14.92
N ILE A 316 2.73 -17.31 15.02
CA ILE A 316 1.98 -16.08 15.29
C ILE A 316 2.37 -15.50 16.63
N CYS A 317 2.44 -16.39 17.62
CA CYS A 317 2.80 -16.00 18.97
C CYS A 317 4.14 -15.31 18.99
N ASP A 318 5.13 -15.96 18.39
CA ASP A 318 6.48 -15.42 18.32
C ASP A 318 6.47 -14.12 17.56
N LEU A 319 5.58 -14.03 16.56
CA LEU A 319 5.44 -12.82 15.77
C LEU A 319 4.95 -11.73 16.71
N ALA A 320 3.90 -12.05 17.45
CA ALA A 320 3.30 -11.13 18.37
C ALA A 320 4.24 -10.73 19.50
N ARG A 321 5.10 -11.63 19.94
CA ARG A 321 6.03 -11.29 21.03
C ARG A 321 7.25 -10.54 20.50
N THR A 322 7.68 -10.86 19.29
CA THR A 322 8.84 -10.21 18.68
C THR A 322 8.54 -8.77 18.32
N PHE A 323 7.30 -8.52 17.88
CA PHE A 323 6.84 -7.17 17.56
C PHE A 323 6.81 -6.33 18.85
N ALA A 324 6.17 -6.88 19.87
CA ALA A 324 6.04 -6.19 21.17
C ALA A 324 7.36 -5.77 21.77
N ARG A 325 8.32 -6.70 21.79
CA ARG A 325 9.65 -6.47 22.35
C ARG A 325 10.41 -5.39 21.60
N GLU A 326 10.37 -5.49 20.29
CA GLU A 326 11.11 -4.59 19.45
C GLU A 326 10.57 -3.17 19.32
N MET A 327 9.31 -3.07 18.94
CA MET A 327 8.67 -1.79 18.70
C MET A 327 7.83 -1.27 19.81
N GLY A 328 7.32 -2.15 20.65
CA GLY A 328 6.54 -1.70 21.76
C GLY A 328 7.57 -1.04 22.66
N GLU A 329 7.18 0.00 23.37
CA GLU A 329 8.12 0.66 24.27
C GLU A 329 7.57 0.46 25.67
N MET B 1 -14.19 -22.24 -19.73
CA MET B 1 -14.40 -20.88 -19.15
C MET B 1 -13.43 -19.96 -19.90
N PRO B 2 -13.76 -18.65 -20.04
CA PRO B 2 -12.92 -17.69 -20.74
C PRO B 2 -11.64 -17.40 -19.98
N THR B 3 -10.54 -17.29 -20.71
CA THR B 3 -9.26 -17.01 -20.09
C THR B 3 -8.76 -15.59 -20.42
N LEU B 4 -7.82 -15.11 -19.61
CA LEU B 4 -7.28 -13.79 -19.78
C LEU B 4 -5.76 -13.88 -19.74
N LEU B 5 -5.11 -13.02 -20.51
CA LEU B 5 -3.65 -12.93 -20.58
C LEU B 5 -3.28 -11.49 -20.24
N ARG B 6 -2.61 -11.33 -19.10
CA ARG B 6 -2.15 -10.03 -18.64
C ARG B 6 -0.65 -9.94 -18.80
N VAL B 7 -0.17 -8.83 -19.36
CA VAL B 7 1.24 -8.60 -19.56
C VAL B 7 1.58 -7.18 -19.15
N TYR B 8 2.54 -7.06 -18.24
CA TYR B 8 3.02 -5.78 -17.74
C TYR B 8 4.41 -5.60 -18.36
N ILE B 9 4.61 -4.54 -19.14
CA ILE B 9 5.89 -4.27 -19.75
C ILE B 9 6.48 -3.23 -18.80
N ASP B 10 7.64 -3.53 -18.22
CA ASP B 10 8.23 -2.64 -17.25
C ASP B 10 9.71 -2.46 -17.50
N GLY B 11 10.38 -1.73 -16.63
CA GLY B 11 11.80 -1.55 -16.80
C GLY B 11 12.08 -0.09 -16.80
N PRO B 12 13.34 0.32 -16.88
CA PRO B 12 13.64 1.74 -16.87
C PRO B 12 12.93 2.53 -18.00
N HIS B 13 12.90 3.84 -17.81
CA HIS B 13 12.30 4.74 -18.78
C HIS B 13 13.35 5.04 -19.86
N GLY B 14 12.89 5.54 -21.00
CA GLY B 14 13.79 5.88 -22.09
C GLY B 14 14.22 4.71 -22.93
N MET B 15 13.48 3.60 -22.87
CA MET B 15 13.81 2.40 -23.64
C MET B 15 12.88 2.16 -24.85
N GLY B 16 11.60 2.55 -24.73
CA GLY B 16 10.65 2.36 -25.82
C GLY B 16 9.47 1.47 -25.48
N LYS B 17 9.29 1.23 -24.18
CA LYS B 17 8.22 0.39 -23.69
C LYS B 17 6.85 0.77 -24.23
N THR B 18 6.48 2.02 -24.03
CA THR B 18 5.16 2.50 -24.46
C THR B 18 4.87 2.40 -25.94
N THR B 19 5.87 2.63 -26.79
CA THR B 19 5.68 2.57 -28.23
C THR B 19 5.33 1.17 -28.67
N THR B 20 6.11 0.21 -28.20
CA THR B 20 5.91 -1.18 -28.59
C THR B 20 4.67 -1.81 -28.00
N THR B 21 4.31 -1.39 -26.79
CA THR B 21 3.10 -1.88 -26.16
C THR B 21 1.94 -1.47 -27.09
N GLN B 22 2.00 -0.23 -27.58
CA GLN B 22 1.03 0.32 -28.54
C GLN B 22 1.01 -0.56 -29.76
N LEU B 23 2.17 -0.65 -30.41
CA LEU B 23 2.30 -1.43 -31.61
C LEU B 23 1.67 -2.79 -31.44
N LEU B 24 2.04 -3.47 -30.36
CA LEU B 24 1.53 -4.79 -30.07
C LEU B 24 0.02 -4.82 -30.12
N VAL B 25 -0.60 -3.78 -29.57
CA VAL B 25 -2.05 -3.68 -29.53
C VAL B 25 -2.64 -3.29 -30.89
N ALA B 26 -1.81 -2.69 -31.74
CA ALA B 26 -2.28 -2.27 -33.05
C ALA B 26 -2.49 -3.44 -34.02
N LEU B 27 -2.16 -4.64 -33.56
CA LEU B 27 -2.31 -5.86 -34.33
C LEU B 27 -3.69 -6.52 -34.15
N GLY B 28 -4.02 -7.42 -34.96
N ASP B 32 -9.81 -10.07 -27.76
CA ASP B 32 -9.00 -9.00 -28.38
C ASP B 32 -7.90 -8.53 -27.43
N ILE B 33 -7.35 -7.34 -27.64
CA ILE B 33 -6.28 -6.81 -26.83
C ILE B 33 -6.66 -5.40 -26.44
N VAL B 34 -6.33 -5.01 -25.21
CA VAL B 34 -6.62 -3.66 -24.77
C VAL B 34 -5.38 -3.16 -24.06
N TYR B 35 -5.17 -1.86 -24.15
CA TYR B 35 -4.01 -1.18 -23.59
C TYR B 35 -4.36 -0.34 -22.38
N VAL B 36 -3.62 -0.55 -21.29
CA VAL B 36 -3.76 0.21 -20.05
C VAL B 36 -2.48 1.06 -19.98
N PRO B 37 -2.55 2.33 -20.38
CA PRO B 37 -1.44 3.28 -20.40
C PRO B 37 -0.88 3.79 -19.08
N GLU B 38 0.08 4.69 -19.22
CA GLU B 38 0.70 5.35 -18.09
C GLU B 38 -0.23 6.47 -17.76
N PRO B 39 -0.68 6.57 -16.50
CA PRO B 39 -1.59 7.59 -16.00
C PRO B 39 -0.98 9.00 -15.99
N MET B 40 -0.53 9.43 -17.15
CA MET B 40 0.11 10.70 -17.26
C MET B 40 -0.74 11.80 -16.70
N THR B 41 -2.02 11.78 -17.06
CA THR B 41 -2.94 12.83 -16.61
C THR B 41 -3.14 12.81 -15.11
N TYR B 42 -2.99 11.65 -14.50
CA TYR B 42 -3.11 11.55 -13.04
C TYR B 42 -1.88 12.20 -12.41
N TRP B 43 -0.71 11.86 -12.92
CA TRP B 43 0.57 12.38 -12.44
C TRP B 43 0.68 13.91 -12.60
N ARG B 44 0.03 14.48 -13.60
CA ARG B 44 0.12 15.92 -13.76
C ARG B 44 -1.08 16.82 -13.48
N VAL B 45 -2.24 16.26 -13.12
CA VAL B 45 -3.42 17.08 -12.84
C VAL B 45 -4.35 16.50 -11.81
N LEU B 46 -4.79 15.28 -12.07
CA LEU B 46 -5.74 14.65 -11.18
C LEU B 46 -5.22 14.33 -9.79
N GLY B 47 -4.02 13.75 -9.67
CA GLY B 47 -3.51 13.43 -8.36
C GLY B 47 -2.81 14.59 -7.70
N ALA B 48 -2.11 15.38 -8.51
CA ALA B 48 -1.38 16.52 -8.03
C ALA B 48 -0.94 17.22 -9.30
N SER B 49 -0.19 18.29 -9.17
CA SER B 49 0.28 19.07 -10.31
C SER B 49 1.72 18.80 -10.75
N GLU B 50 1.89 18.42 -12.01
CA GLU B 50 3.20 18.14 -12.57
C GLU B 50 4.11 17.29 -11.69
N THR B 51 3.63 16.12 -11.29
CA THR B 51 4.40 15.25 -10.41
C THR B 51 5.75 14.82 -10.94
N ILE B 52 5.85 14.54 -12.24
CA ILE B 52 7.14 14.15 -12.79
C ILE B 52 8.12 15.32 -12.73
N ALA B 53 7.62 16.54 -12.91
CA ALA B 53 8.43 17.75 -12.85
C ALA B 53 8.88 17.90 -11.43
N ASN B 54 7.97 17.66 -10.50
CA ASN B 54 8.26 17.73 -9.07
C ASN B 54 9.37 16.74 -8.64
N ILE B 55 9.29 15.51 -9.13
CA ILE B 55 10.27 14.48 -8.80
C ILE B 55 11.68 14.89 -9.26
N TYR B 56 11.80 15.22 -10.54
CA TYR B 56 13.09 15.60 -11.12
C TYR B 56 13.70 16.90 -10.58
N THR B 57 12.84 17.83 -10.14
CA THR B 57 13.29 19.10 -9.57
C THR B 57 13.81 18.96 -8.15
N THR B 58 13.14 18.11 -7.35
CA THR B 58 13.53 17.86 -5.95
C THR B 58 14.91 17.20 -5.88
N GLN B 59 15.14 16.19 -6.72
CA GLN B 59 16.44 15.53 -6.77
C GLN B 59 17.45 16.59 -7.13
N HIS B 60 17.08 17.40 -8.10
CA HIS B 60 17.95 18.48 -8.55
C HIS B 60 18.33 19.37 -7.37
N ARG B 61 17.34 19.93 -6.70
CA ARG B 61 17.59 20.80 -5.55
C ARG B 61 18.45 20.05 -4.55
N LEU B 62 18.23 18.75 -4.44
CA LEU B 62 19.01 17.94 -3.53
C LEU B 62 20.45 18.06 -3.99
N ASP B 63 20.67 17.66 -5.24
CA ASP B 63 21.99 17.67 -5.85
C ASP B 63 22.69 19.04 -5.72
N GLN B 64 21.93 20.10 -5.93
CA GLN B 64 22.45 21.47 -5.84
C GLN B 64 22.76 21.90 -4.38
N GLY B 65 22.38 21.06 -3.41
CA GLY B 65 22.62 21.37 -2.01
C GLY B 65 21.67 22.43 -1.50
N GLU B 66 20.63 22.71 -2.30
CA GLU B 66 19.62 23.71 -1.94
C GLU B 66 18.61 23.12 -0.97
N ILE B 67 18.40 21.81 -1.05
CA ILE B 67 17.44 21.14 -0.21
C ILE B 67 18.26 20.11 0.54
N SER B 68 17.80 19.74 1.74
CA SER B 68 18.47 18.74 2.55
C SER B 68 17.90 17.37 2.18
N ALA B 69 18.53 16.31 2.70
CA ALA B 69 18.09 14.95 2.44
C ALA B 69 16.65 14.73 2.91
N GLY B 70 16.41 15.04 4.18
CA GLY B 70 15.10 14.86 4.78
C GLY B 70 13.99 15.58 4.04
N ASP B 71 14.30 16.80 3.59
CA ASP B 71 13.36 17.62 2.83
C ASP B 71 12.95 16.89 1.56
N ALA B 72 13.94 16.31 0.88
CA ALA B 72 13.72 15.59 -0.37
C ALA B 72 12.96 14.29 -0.20
N ALA B 73 13.31 13.51 0.83
CA ALA B 73 12.64 12.23 1.09
C ALA B 73 11.15 12.46 1.32
N VAL B 74 10.86 13.52 2.09
CA VAL B 74 9.49 13.89 2.39
C VAL B 74 8.73 14.18 1.08
N VAL B 75 9.41 14.84 0.14
CA VAL B 75 8.80 15.17 -1.15
C VAL B 75 8.73 13.99 -2.11
N MET B 76 9.79 13.18 -2.12
CA MET B 76 9.85 11.99 -2.95
C MET B 76 8.81 10.97 -2.55
N THR B 77 8.73 10.71 -1.25
CA THR B 77 7.78 9.74 -0.72
C THR B 77 6.35 10.08 -1.13
N SER B 78 6.01 11.36 -1.00
CA SER B 78 4.68 11.84 -1.34
C SER B 78 4.46 11.75 -2.82
N ALA B 79 5.49 12.13 -3.59
CA ALA B 79 5.43 12.10 -5.04
C ALA B 79 5.23 10.68 -5.54
N GLN B 80 5.99 9.74 -4.95
CA GLN B 80 5.90 8.33 -5.29
C GLN B 80 4.54 7.75 -4.91
N ILE B 81 3.87 8.32 -3.93
CA ILE B 81 2.54 7.87 -3.54
C ILE B 81 1.55 8.28 -4.61
N THR B 82 1.72 9.47 -5.16
CA THR B 82 0.84 9.94 -6.22
C THR B 82 1.10 9.12 -7.48
N MET B 83 2.36 8.81 -7.74
CA MET B 83 2.70 8.06 -8.93
C MET B 83 2.09 6.68 -9.00
N GLY B 84 1.92 6.04 -7.87
CA GLY B 84 1.39 4.70 -7.90
C GLY B 84 -0.08 4.49 -7.70
N MET B 85 -0.81 5.49 -7.23
CA MET B 85 -2.24 5.26 -7.00
C MET B 85 -3.04 4.62 -8.16
N PRO B 86 -2.90 5.15 -9.39
CA PRO B 86 -3.67 4.54 -10.49
C PRO B 86 -3.33 3.08 -10.70
N TYR B 87 -2.07 2.74 -10.45
CA TYR B 87 -1.62 1.37 -10.60
C TYR B 87 -2.23 0.53 -9.49
N ALA B 88 -2.18 1.06 -8.27
CA ALA B 88 -2.73 0.35 -7.15
C ALA B 88 -4.28 0.19 -7.20
N VAL B 89 -5.03 1.22 -7.60
CA VAL B 89 -6.47 1.00 -7.64
C VAL B 89 -6.86 0.07 -8.73
N THR B 90 -6.16 0.13 -9.86
CA THR B 90 -6.47 -0.73 -10.97
C THR B 90 -6.26 -2.20 -10.60
N ASP B 91 -5.18 -2.48 -9.87
CA ASP B 91 -4.87 -3.82 -9.43
C ASP B 91 -5.93 -4.35 -8.45
N ALA B 92 -6.33 -3.54 -7.47
CA ALA B 92 -7.33 -3.94 -6.48
C ALA B 92 -8.70 -4.18 -7.06
N VAL B 93 -8.99 -3.49 -8.17
CA VAL B 93 -10.26 -3.57 -8.87
C VAL B 93 -10.29 -4.77 -9.83
N LEU B 94 -9.10 -5.15 -10.29
CA LEU B 94 -8.94 -6.28 -11.19
C LEU B 94 -9.03 -7.59 -10.46
N ALA B 95 -8.33 -7.66 -9.32
CA ALA B 95 -8.24 -8.85 -8.46
C ALA B 95 -9.42 -9.83 -8.31
N PRO B 96 -10.64 -9.34 -8.04
CA PRO B 96 -11.79 -10.23 -7.88
C PRO B 96 -12.16 -10.99 -9.13
N HIS B 97 -11.67 -10.52 -10.28
CA HIS B 97 -11.95 -11.12 -11.58
C HIS B 97 -10.97 -12.19 -12.00
N ILE B 98 -9.75 -12.10 -11.50
CA ILE B 98 -8.73 -13.04 -11.84
C ILE B 98 -9.00 -14.41 -11.20
N GLY B 99 -9.03 -15.44 -12.05
CA GLY B 99 -9.24 -16.80 -11.60
C GLY B 99 -7.95 -17.61 -11.59
N GLY B 100 -8.05 -18.93 -11.68
CA GLY B 100 -6.85 -19.75 -11.67
C GLY B 100 -6.08 -19.72 -12.97
N GLU B 101 -4.84 -20.20 -12.95
CA GLU B 101 -4.00 -20.24 -14.15
C GLU B 101 -4.59 -21.23 -15.15
N ALA B 102 -4.48 -20.91 -16.43
CA ALA B 102 -4.95 -21.79 -17.48
C ALA B 102 -3.62 -22.10 -18.17
N GLY B 103 -3.15 -21.15 -18.99
CA GLY B 103 -1.86 -21.32 -19.62
C GLY B 103 -1.79 -20.97 -21.09
N SER B 104 -0.66 -21.31 -21.69
CA SER B 104 -0.33 -21.13 -23.11
C SER B 104 1.18 -21.42 -23.36
N SER B 105 2.03 -20.68 -22.85
N ALA B 107 -1.79 -24.11 -24.62
CA ALA B 107 -3.18 -23.53 -24.50
C ALA B 107 -3.42 -22.51 -25.63
N PRO B 108 -4.67 -22.47 -26.16
CA PRO B 108 -5.16 -21.62 -27.25
C PRO B 108 -5.09 -20.11 -26.96
N PRO B 109 -5.64 -19.29 -27.88
CA PRO B 109 -5.63 -17.84 -27.71
C PRO B 109 -6.65 -17.41 -26.68
N PRO B 110 -6.31 -16.39 -25.89
CA PRO B 110 -7.19 -15.88 -24.85
C PRO B 110 -8.34 -15.05 -25.41
N ALA B 111 -9.44 -14.95 -24.65
CA ALA B 111 -10.60 -14.17 -25.05
C ALA B 111 -10.26 -12.68 -24.90
N LEU B 112 -9.34 -12.38 -23.96
CA LEU B 112 -8.89 -11.01 -23.67
C LEU B 112 -7.43 -10.97 -23.28
N THR B 113 -6.73 -9.98 -23.83
CA THR B 113 -5.32 -9.76 -23.54
C THR B 113 -5.19 -8.33 -23.08
N LEU B 114 -4.66 -8.16 -21.86
CA LEU B 114 -4.43 -6.83 -21.32
C LEU B 114 -2.95 -6.58 -21.37
N ILE B 115 -2.58 -5.41 -21.88
CA ILE B 115 -1.20 -5.02 -21.95
C ILE B 115 -1.09 -3.80 -21.07
N PHE B 116 -0.28 -3.90 -20.02
CA PHE B 116 -0.08 -2.80 -19.09
C PHE B 116 1.22 -2.05 -19.28
N ASP B 117 1.20 -0.76 -18.99
CA ASP B 117 2.39 0.05 -19.07
C ASP B 117 2.82 0.17 -17.63
N ARG B 118 3.73 -0.71 -17.25
CA ARG B 118 4.27 -0.80 -15.89
C ARG B 118 3.34 -1.56 -14.94
N HIS B 119 3.93 -2.19 -13.94
CA HIS B 119 3.21 -2.97 -12.94
C HIS B 119 3.22 -2.16 -11.65
N PRO B 120 2.38 -2.55 -10.67
CA PRO B 120 2.39 -1.80 -9.42
C PRO B 120 3.75 -1.75 -8.75
N ILE B 121 4.56 -2.79 -8.90
CA ILE B 121 5.88 -2.76 -8.24
C ILE B 121 6.83 -1.67 -8.72
N ALA B 122 6.51 -0.98 -9.82
CA ALA B 122 7.36 0.09 -10.36
C ALA B 122 7.28 1.26 -9.41
N ALA B 123 6.05 1.66 -9.11
CA ALA B 123 5.78 2.78 -8.23
C ALA B 123 6.04 2.46 -6.75
N LEU B 124 5.84 1.22 -6.36
CA LEU B 124 6.02 0.83 -4.96
C LEU B 124 7.36 0.20 -4.59
N LEU B 125 8.25 -0.02 -5.56
CA LEU B 125 9.51 -0.66 -5.27
C LEU B 125 10.74 -0.15 -6.02
N CYS B 126 10.69 -0.28 -7.33
CA CYS B 126 11.78 0.07 -8.20
C CYS B 126 12.16 1.54 -8.16
N TYR B 127 11.22 2.43 -8.42
CA TYR B 127 11.55 3.83 -8.38
C TYR B 127 11.95 4.28 -6.99
N PRO B 128 11.22 3.84 -5.94
CA PRO B 128 11.61 4.24 -4.59
C PRO B 128 13.03 3.74 -4.21
N ALA B 129 13.36 2.52 -4.62
CA ALA B 129 14.67 1.90 -4.34
C ALA B 129 15.79 2.63 -5.08
N ALA B 130 15.45 3.15 -6.26
CA ALA B 130 16.41 3.87 -7.07
C ALA B 130 16.62 5.23 -6.44
N ARG B 131 15.53 5.83 -5.94
CA ARG B 131 15.56 7.15 -5.27
C ARG B 131 16.21 7.07 -3.88
N TYR B 132 16.10 5.90 -3.24
CA TYR B 132 16.74 5.70 -1.98
C TYR B 132 18.23 5.72 -2.31
N LEU B 133 18.60 4.93 -3.30
CA LEU B 133 19.96 4.80 -3.81
C LEU B 133 20.56 6.13 -4.25
N MET B 134 19.71 7.07 -4.67
CA MET B 134 20.09 8.41 -5.10
C MET B 134 20.12 9.34 -3.88
N GLY B 135 19.76 8.81 -2.72
CA GLY B 135 19.75 9.61 -1.51
C GLY B 135 18.56 10.51 -1.35
N SER B 136 17.49 10.27 -2.15
CA SER B 136 16.29 11.10 -2.10
C SER B 136 15.13 10.46 -1.36
N MET B 137 15.37 9.31 -0.74
CA MET B 137 14.34 8.62 0.01
C MET B 137 15.05 7.72 1.02
N THR B 138 14.32 7.33 2.06
CA THR B 138 14.88 6.46 3.10
C THR B 138 14.61 4.97 2.84
N PRO B 139 15.44 4.07 3.40
CA PRO B 139 15.27 2.63 3.21
C PRO B 139 14.03 2.14 3.94
N GLN B 140 13.70 2.80 5.03
CA GLN B 140 12.52 2.43 5.80
C GLN B 140 11.28 2.74 5.00
N ALA B 141 11.30 3.84 4.26
CA ALA B 141 10.18 4.26 3.41
C ALA B 141 10.00 3.29 2.26
N VAL B 142 11.10 2.86 1.66
CA VAL B 142 11.05 1.91 0.56
C VAL B 142 10.41 0.65 1.14
N LEU B 143 10.96 0.17 2.25
CA LEU B 143 10.45 -1.03 2.90
C LEU B 143 8.98 -0.89 3.29
N ALA B 144 8.55 0.34 3.57
CA ALA B 144 7.16 0.64 3.92
C ALA B 144 6.31 0.47 2.65
N PHE B 145 6.84 0.86 1.50
CA PHE B 145 6.13 0.67 0.23
C PHE B 145 6.08 -0.84 -0.09
N VAL B 146 7.23 -1.49 -0.02
CA VAL B 146 7.32 -2.94 -0.25
C VAL B 146 6.23 -3.68 0.56
N ALA B 147 6.17 -3.38 1.86
CA ALA B 147 5.20 -4.02 2.70
C ALA B 147 3.78 -3.81 2.18
N LEU B 148 3.59 -2.77 1.36
CA LEU B 148 2.27 -2.43 0.82
C LEU B 148 2.01 -2.90 -0.60
N ILE B 149 3.02 -3.56 -1.21
CA ILE B 149 2.87 -4.12 -2.55
C ILE B 149 1.67 -5.08 -2.42
N PRO B 150 0.72 -5.02 -3.34
CA PRO B 150 -0.47 -5.89 -3.32
C PRO B 150 -0.11 -7.34 -3.60
N PRO B 151 -0.95 -8.29 -3.12
CA PRO B 151 -0.73 -9.72 -3.33
C PRO B 151 -0.65 -9.98 -4.82
N THR B 152 0.37 -10.73 -5.24
CA THR B 152 0.60 -11.06 -6.65
C THR B 152 -0.42 -12.03 -7.20
N LEU B 153 -1.29 -11.52 -8.06
CA LEU B 153 -2.33 -12.32 -8.69
C LEU B 153 -1.67 -13.36 -9.57
N PRO B 154 -2.30 -14.53 -9.71
CA PRO B 154 -1.69 -15.55 -10.58
C PRO B 154 -1.71 -15.07 -12.05
N GLY B 155 -0.77 -15.51 -12.86
CA GLY B 155 -0.73 -15.07 -14.25
C GLY B 155 -0.07 -13.72 -14.42
N THR B 156 0.70 -13.30 -13.43
CA THR B 156 1.39 -12.02 -13.47
C THR B 156 2.64 -12.20 -14.31
N ASN B 157 2.55 -11.75 -15.55
CA ASN B 157 3.61 -11.82 -16.54
C ASN B 157 4.24 -10.46 -16.63
N ILE B 158 5.51 -10.38 -16.25
CA ILE B 158 6.25 -9.14 -16.28
C ILE B 158 7.29 -9.19 -17.38
N VAL B 159 7.29 -8.24 -18.30
CA VAL B 159 8.29 -8.20 -19.34
C VAL B 159 9.20 -7.02 -19.01
N LEU B 160 10.45 -7.30 -18.69
CA LEU B 160 11.37 -6.22 -18.35
C LEU B 160 12.28 -5.93 -19.53
N GLY B 161 12.56 -4.66 -19.77
CA GLY B 161 13.38 -4.31 -20.90
C GLY B 161 14.88 -4.28 -20.71
N ALA B 162 15.59 -4.47 -21.81
CA ALA B 162 17.06 -4.43 -21.84
C ALA B 162 17.47 -3.54 -23.01
N LEU B 163 18.52 -2.77 -22.79
CA LEU B 163 19.06 -1.88 -23.81
C LEU B 163 20.47 -1.57 -23.31
N PRO B 164 21.48 -1.56 -24.20
CA PRO B 164 22.84 -1.27 -23.75
C PRO B 164 22.91 0.12 -23.10
N GLU B 165 23.81 0.30 -22.15
CA GLU B 165 23.87 1.58 -21.48
C GLU B 165 24.08 2.82 -22.34
N ASP B 166 25.05 2.76 -23.27
CA ASP B 166 25.35 3.90 -24.15
C ASP B 166 24.14 4.29 -24.97
N ARG B 167 23.51 3.26 -25.52
CA ARG B 167 22.33 3.36 -26.35
C ARG B 167 21.18 3.89 -25.54
N HIS B 168 21.01 3.39 -24.31
CA HIS B 168 19.93 3.86 -23.46
C HIS B 168 20.07 5.36 -23.19
N ILE B 169 21.31 5.78 -22.95
CA ILE B 169 21.66 7.18 -22.67
C ILE B 169 21.35 8.13 -23.81
N ASP B 170 21.64 7.70 -25.03
CA ASP B 170 21.36 8.51 -26.21
C ASP B 170 19.84 8.56 -26.41
N ARG B 171 19.18 7.44 -26.18
CA ARG B 171 17.74 7.40 -26.32
C ARG B 171 17.15 8.44 -25.38
N LEU B 172 17.54 8.36 -24.10
CA LEU B 172 17.05 9.30 -23.10
C LEU B 172 17.29 10.76 -23.52
N ALA B 173 18.47 11.01 -24.09
CA ALA B 173 18.89 12.33 -24.55
C ALA B 173 17.86 12.95 -25.51
N LYS B 174 16.84 12.18 -25.89
CA LYS B 174 15.77 12.67 -26.75
C LYS B 174 14.45 12.58 -25.99
N ARG B 175 13.80 11.42 -26.15
CA ARG B 175 12.49 11.15 -25.56
C ARG B 175 12.09 11.91 -24.30
N GLN B 176 11.65 13.14 -24.58
CA GLN B 176 11.23 14.13 -23.59
C GLN B 176 9.91 13.89 -22.84
N ARG B 177 10.01 13.73 -21.52
CA ARG B 177 8.84 13.58 -20.66
C ARG B 177 8.79 14.96 -19.98
N PRO B 178 7.59 15.57 -19.87
CA PRO B 178 7.44 16.89 -19.25
C PRO B 178 7.83 17.02 -17.79
N GLY B 179 8.90 17.78 -17.53
CA GLY B 179 9.39 17.98 -16.18
C GLY B 179 10.63 17.16 -15.90
N GLU B 180 10.71 16.08 -16.66
CA GLU B 180 11.82 15.17 -16.58
C GLU B 180 13.06 15.93 -16.98
N ARG B 181 14.06 15.90 -16.13
CA ARG B 181 15.31 16.53 -16.49
C ARG B 181 16.36 15.42 -16.43
N LEU B 182 17.05 15.25 -17.56
CA LEU B 182 18.06 14.20 -17.74
C LEU B 182 19.14 14.01 -16.65
N ASP B 183 18.90 13.01 -15.81
CA ASP B 183 19.78 12.65 -14.72
C ASP B 183 20.26 11.26 -15.07
N LEU B 184 21.51 11.15 -15.49
CA LEU B 184 22.12 9.87 -15.86
C LEU B 184 22.45 9.04 -14.63
N ALA B 185 22.72 9.70 -13.51
CA ALA B 185 22.99 8.96 -12.30
C ALA B 185 21.72 8.20 -11.92
N MET B 186 20.56 8.82 -12.16
CA MET B 186 19.28 8.20 -11.84
C MET B 186 18.99 7.11 -12.86
N LEU B 187 19.51 7.27 -14.08
CA LEU B 187 19.30 6.27 -15.11
C LEU B 187 19.96 4.99 -14.69
N ALA B 188 21.23 5.05 -14.33
CA ALA B 188 21.97 3.88 -13.90
C ALA B 188 21.31 3.26 -12.68
N ALA B 189 20.91 4.11 -11.75
CA ALA B 189 20.28 3.64 -10.54
C ALA B 189 19.07 2.82 -10.89
N ILE B 190 18.18 3.39 -11.69
CA ILE B 190 16.97 2.70 -12.08
C ILE B 190 17.29 1.42 -12.85
N ARG B 191 18.37 1.46 -13.62
CA ARG B 191 18.78 0.29 -14.41
C ARG B 191 19.26 -0.83 -13.51
N ARG B 192 20.09 -0.48 -12.53
CA ARG B 192 20.59 -1.48 -11.62
C ARG B 192 19.43 -2.07 -10.82
N VAL B 193 18.50 -1.21 -10.36
CA VAL B 193 17.35 -1.68 -9.59
C VAL B 193 16.58 -2.74 -10.35
N TYR B 194 16.37 -2.48 -11.63
CA TYR B 194 15.66 -3.41 -12.49
C TYR B 194 16.45 -4.68 -12.78
N GLY B 195 17.77 -4.56 -12.74
CA GLY B 195 18.61 -5.73 -12.93
C GLY B 195 18.46 -6.64 -11.71
N LEU B 196 18.56 -6.05 -10.52
CA LEU B 196 18.43 -6.79 -9.27
C LEU B 196 17.06 -7.45 -9.23
N LEU B 197 16.03 -6.73 -9.68
CA LEU B 197 14.67 -7.26 -9.72
C LEU B 197 14.63 -8.56 -10.49
N ALA B 198 15.17 -8.56 -11.70
CA ALA B 198 15.18 -9.78 -12.51
C ALA B 198 15.89 -10.91 -11.79
N ASN B 199 17.05 -10.58 -11.22
CA ASN B 199 17.86 -11.53 -10.46
C ASN B 199 17.06 -12.07 -9.30
N THR B 200 16.41 -11.17 -8.59
CA THR B 200 15.64 -11.54 -7.42
C THR B 200 14.55 -12.56 -7.70
N VAL B 201 13.74 -12.31 -8.72
CA VAL B 201 12.66 -13.22 -9.10
C VAL B 201 13.21 -14.63 -9.30
N ARG B 202 14.36 -14.67 -9.94
CA ARG B 202 15.03 -15.91 -10.28
C ARG B 202 15.68 -16.58 -9.10
N TYR B 203 16.47 -15.80 -8.35
CA TYR B 203 17.14 -16.30 -7.16
C TYR B 203 16.06 -16.99 -6.37
N LEU B 204 14.92 -16.31 -6.23
CA LEU B 204 13.77 -16.84 -5.49
C LEU B 204 13.25 -18.11 -6.11
N GLN B 205 13.15 -18.14 -7.43
CA GLN B 205 12.64 -19.34 -8.10
C GLN B 205 13.61 -20.52 -8.10
N CYS B 206 14.90 -20.27 -7.90
CA CYS B 206 15.88 -21.36 -7.83
C CYS B 206 16.03 -21.82 -6.37
N GLY B 207 15.07 -21.50 -5.52
CA GLY B 207 15.13 -21.90 -4.13
C GLY B 207 15.84 -20.99 -3.14
N GLY B 208 16.33 -19.82 -3.59
CA GLY B 208 17.03 -18.91 -2.71
C GLY B 208 16.24 -18.50 -1.48
N SER B 209 16.94 -18.37 -0.35
CA SER B 209 16.35 -17.95 0.93
C SER B 209 17.23 -16.82 1.45
N TRP B 210 16.68 -15.61 1.49
CA TRP B 210 17.45 -14.47 1.92
C TRP B 210 17.95 -14.57 3.34
N ARG B 211 17.19 -15.21 4.22
CA ARG B 211 17.60 -15.39 5.62
C ARG B 211 18.81 -16.33 5.75
N GLU B 212 18.82 -17.40 4.95
CA GLU B 212 19.91 -18.40 4.93
C GLU B 212 21.16 -17.76 4.32
N ASP B 213 20.96 -16.87 3.34
CA ASP B 213 22.06 -16.22 2.63
C ASP B 213 22.42 -14.80 3.06
N TRP B 214 21.69 -14.23 4.01
CA TRP B 214 21.97 -12.86 4.47
C TRP B 214 23.43 -12.64 4.81
N GLY B 215 24.05 -13.64 5.43
CA GLY B 215 25.44 -13.50 5.84
C GLY B 215 26.43 -13.41 4.69
N GLN B 216 25.97 -13.72 3.49
CA GLN B 216 26.82 -13.69 2.30
C GLN B 216 26.90 -12.32 1.64
N LEU B 217 26.39 -11.30 2.32
CA LEU B 217 26.43 -9.94 1.81
C LEU B 217 27.65 -9.20 2.39
N SER B 218 27.79 -9.16 3.63
N ASN B 232 15.58 -23.83 -15.38
CA ASN B 232 15.39 -22.35 -15.40
C ASN B 232 16.08 -21.66 -16.60
N ALA B 233 16.21 -20.33 -16.46
CA ALA B 233 16.82 -19.41 -17.40
C ALA B 233 18.03 -18.84 -16.67
N GLY B 234 19.02 -19.68 -16.47
CA GLY B 234 20.22 -19.29 -15.77
C GLY B 234 20.30 -19.96 -14.40
N PRO B 235 21.50 -19.96 -13.79
CA PRO B 235 21.75 -20.56 -12.49
C PRO B 235 21.23 -19.65 -11.39
N ARG B 236 21.22 -20.13 -10.14
CA ARG B 236 20.75 -19.30 -9.03
C ARG B 236 21.73 -18.16 -8.81
N PRO B 237 21.23 -16.91 -8.81
CA PRO B 237 22.22 -15.87 -8.57
C PRO B 237 22.57 -15.69 -7.09
N HIS B 238 23.61 -14.92 -6.85
CA HIS B 238 24.12 -14.64 -5.51
C HIS B 238 23.20 -13.62 -4.86
N ILE B 239 22.91 -13.78 -3.56
CA ILE B 239 22.03 -12.86 -2.86
C ILE B 239 22.51 -11.42 -3.03
N GLY B 240 23.80 -11.25 -3.23
CA GLY B 240 24.34 -9.92 -3.45
C GLY B 240 24.04 -9.39 -4.85
N ASP B 241 23.37 -10.21 -5.66
CA ASP B 241 23.01 -9.86 -7.03
C ASP B 241 21.52 -9.61 -7.08
N THR B 242 20.88 -9.61 -5.92
CA THR B 242 19.43 -9.43 -5.80
C THR B 242 19.07 -8.16 -5.03
N LEU B 243 17.78 -7.81 -5.00
CA LEU B 243 17.32 -6.59 -4.31
C LEU B 243 17.58 -6.60 -2.82
N PHE B 244 17.76 -7.78 -2.25
CA PHE B 244 18.03 -7.93 -0.83
C PHE B 244 19.32 -7.25 -0.43
N THR B 245 20.21 -7.02 -1.40
CA THR B 245 21.49 -6.40 -1.12
C THR B 245 21.39 -4.92 -0.81
N LEU B 246 20.29 -4.31 -1.21
CA LEU B 246 20.11 -2.87 -0.97
C LEU B 246 19.73 -2.59 0.45
N PHE B 247 19.17 -3.58 1.13
CA PHE B 247 18.71 -3.39 2.49
C PHE B 247 19.67 -3.66 3.61
N ARG B 248 20.96 -3.61 3.25
CA ARG B 248 22.09 -3.79 4.18
C ARG B 248 22.40 -2.41 4.80
N ALA B 249 21.39 -1.58 4.99
CA ALA B 249 21.62 -0.24 5.52
C ALA B 249 21.72 -0.20 7.03
N PRO B 250 22.67 0.62 7.56
CA PRO B 250 22.93 0.80 9.00
C PRO B 250 21.68 1.30 9.72
N GLU B 251 20.80 1.94 8.96
CA GLU B 251 19.55 2.49 9.49
C GLU B 251 18.62 1.37 9.90
N LEU B 252 18.72 0.26 9.16
CA LEU B 252 17.87 -0.90 9.38
C LEU B 252 18.51 -1.96 10.26
N LEU B 253 19.70 -1.69 10.79
CA LEU B 253 20.43 -2.66 11.61
C LEU B 253 20.37 -2.43 13.11
N ALA B 254 20.09 -3.52 13.82
CA ALA B 254 19.99 -3.51 15.27
C ALA B 254 21.43 -3.43 15.83
N PRO B 255 21.59 -2.91 17.08
CA PRO B 255 22.94 -2.80 17.67
C PRO B 255 23.73 -4.11 17.60
N ASN B 256 23.03 -5.24 17.68
CA ASN B 256 23.64 -6.54 17.59
C ASN B 256 24.22 -6.84 16.17
N GLY B 257 23.77 -6.08 15.17
CA GLY B 257 24.27 -6.23 13.82
C GLY B 257 23.34 -6.71 12.73
N ASP B 258 22.21 -7.32 13.11
CA ASP B 258 21.23 -7.83 12.15
C ASP B 258 20.08 -6.86 12.00
N LEU B 259 19.28 -7.10 10.98
CA LEU B 259 18.12 -6.26 10.71
C LEU B 259 17.11 -6.39 11.83
N TYR B 260 16.44 -5.28 12.12
CA TYR B 260 15.40 -5.30 13.11
C TYR B 260 14.34 -6.17 12.43
N ASN B 261 13.56 -6.87 13.22
CA ASN B 261 12.53 -7.74 12.67
C ASN B 261 11.48 -7.06 11.80
N VAL B 262 11.15 -5.78 12.03
CA VAL B 262 10.16 -5.10 11.17
C VAL B 262 10.60 -5.13 9.71
N PHE B 263 11.85 -4.77 9.48
CA PHE B 263 12.45 -4.70 8.16
C PHE B 263 12.66 -6.11 7.61
N ALA B 264 13.07 -7.01 8.50
CA ALA B 264 13.25 -8.40 8.11
C ALA B 264 11.91 -8.96 7.60
N TRP B 265 10.82 -8.67 8.31
CA TRP B 265 9.47 -9.12 7.90
C TRP B 265 9.02 -8.50 6.58
N ALA B 266 9.51 -7.28 6.27
CA ALA B 266 9.20 -6.59 5.00
C ALA B 266 9.91 -7.29 3.84
N LEU B 267 11.15 -7.74 4.09
CA LEU B 267 11.90 -8.46 3.06
C LEU B 267 11.22 -9.81 2.75
N ASP B 268 10.52 -10.39 3.75
CA ASP B 268 9.75 -11.66 3.60
C ASP B 268 8.57 -11.44 2.66
N VAL B 269 8.04 -10.23 2.70
CA VAL B 269 6.93 -9.80 1.86
C VAL B 269 7.41 -9.68 0.39
N LEU B 270 8.63 -9.14 0.21
CA LEU B 270 9.26 -8.94 -1.09
C LEU B 270 9.48 -10.26 -1.79
N ALA B 271 10.07 -11.20 -1.05
CA ALA B 271 10.31 -12.54 -1.54
C ALA B 271 8.96 -13.20 -1.89
N LYS B 272 7.95 -12.98 -1.07
CA LYS B 272 6.66 -13.58 -1.33
C LYS B 272 5.98 -12.97 -2.54
N ARG B 273 6.08 -11.66 -2.69
CA ARG B 273 5.46 -10.99 -3.83
C ARG B 273 6.13 -11.33 -5.19
N LEU B 274 7.45 -11.41 -5.21
CA LEU B 274 8.20 -11.67 -6.45
C LEU B 274 8.37 -13.14 -6.83
N ARG B 275 8.06 -14.03 -5.92
CA ARG B 275 8.21 -15.47 -6.12
C ARG B 275 7.25 -16.05 -7.14
N SER B 276 6.10 -15.43 -7.30
CA SER B 276 5.10 -15.99 -8.21
C SER B 276 4.94 -15.23 -9.51
N MET B 277 5.83 -14.27 -9.75
CA MET B 277 5.80 -13.47 -10.97
C MET B 277 6.54 -14.19 -12.10
N HIS B 278 6.05 -14.01 -13.32
CA HIS B 278 6.67 -14.66 -14.46
C HIS B 278 7.37 -13.56 -15.23
N VAL B 279 8.66 -13.46 -15.00
CA VAL B 279 9.45 -12.41 -15.60
C VAL B 279 10.04 -12.85 -16.90
N PHE B 280 10.02 -11.96 -17.89
CA PHE B 280 10.58 -12.22 -19.22
C PHE B 280 11.41 -11.03 -19.62
N ILE B 281 12.45 -11.27 -20.43
CA ILE B 281 13.29 -10.15 -20.82
C ILE B 281 13.12 -9.83 -22.30
N LEU B 282 12.95 -8.55 -22.62
CA LEU B 282 12.78 -8.12 -23.99
C LEU B 282 13.88 -7.14 -24.33
N ASP B 283 14.53 -7.40 -25.44
CA ASP B 283 15.63 -6.60 -25.93
C ASP B 283 15.06 -5.40 -26.65
N TYR B 284 15.50 -4.21 -26.24
CA TYR B 284 15.02 -2.98 -26.87
C TYR B 284 15.99 -2.41 -27.87
N ASP B 285 17.13 -3.06 -28.00
CA ASP B 285 18.15 -2.62 -28.93
C ASP B 285 17.78 -3.10 -30.35
N GLN B 286 16.62 -2.66 -30.83
CA GLN B 286 16.14 -3.04 -32.15
C GLN B 286 15.09 -2.04 -32.60
N SER B 287 14.53 -2.24 -33.78
CA SER B 287 13.52 -1.31 -34.29
C SER B 287 12.21 -1.48 -33.55
N PRO B 288 11.34 -0.43 -33.55
CA PRO B 288 10.05 -0.49 -32.87
C PRO B 288 9.28 -1.73 -33.32
N ALA B 289 9.23 -1.96 -34.64
CA ALA B 289 8.55 -3.14 -35.20
C ALA B 289 9.19 -4.42 -34.65
N GLY B 290 10.52 -4.40 -34.54
CA GLY B 290 11.26 -5.54 -34.01
C GLY B 290 10.84 -5.83 -32.58
N CYS B 291 10.86 -4.81 -31.74
CA CYS B 291 10.46 -4.97 -30.35
C CYS B 291 9.04 -5.54 -30.24
N ARG B 292 8.15 -5.08 -31.11
CA ARG B 292 6.74 -5.52 -31.13
C ARG B 292 6.68 -7.02 -31.40
N ASP B 293 7.36 -7.48 -32.47
CA ASP B 293 7.38 -8.89 -32.84
C ASP B 293 8.18 -9.75 -31.86
N ALA B 294 9.25 -9.18 -31.30
CA ALA B 294 10.06 -9.91 -30.30
C ALA B 294 9.21 -10.12 -29.06
N LEU B 295 8.40 -9.12 -28.75
CA LEU B 295 7.48 -9.14 -27.63
C LEU B 295 6.31 -10.05 -27.99
N LEU B 296 5.82 -9.92 -29.22
CA LEU B 296 4.71 -10.77 -29.66
C LEU B 296 5.16 -12.21 -29.65
N GLN B 297 6.47 -12.45 -29.62
CA GLN B 297 6.95 -13.82 -29.54
C GLN B 297 7.03 -14.33 -28.10
N LEU B 298 7.43 -13.48 -27.15
CA LEU B 298 7.51 -13.87 -25.75
C LEU B 298 6.14 -14.25 -25.25
N THR B 299 5.16 -13.47 -25.69
CA THR B 299 3.75 -13.62 -25.33
C THR B 299 3.20 -15.04 -25.31
N SER B 300 3.35 -15.75 -26.43
CA SER B 300 2.87 -17.13 -26.58
C SER B 300 3.09 -17.97 -25.32
N GLY B 301 4.35 -18.09 -24.87
CA GLY B 301 4.70 -18.88 -23.69
C GLY B 301 4.38 -18.27 -22.34
N MET B 302 3.42 -17.34 -22.33
CA MET B 302 3.02 -16.64 -21.11
C MET B 302 1.76 -17.23 -20.51
N VAL B 303 1.77 -17.36 -19.19
CA VAL B 303 0.67 -17.90 -18.39
C VAL B 303 -0.64 -17.15 -18.51
N GLN B 304 -1.73 -17.87 -18.73
CA GLN B 304 -3.05 -17.27 -18.83
C GLN B 304 -3.80 -17.58 -17.56
N THR B 305 -4.97 -16.99 -17.38
CA THR B 305 -5.78 -17.27 -16.21
C THR B 305 -7.27 -17.22 -16.58
N HIS B 306 -8.10 -17.97 -15.89
CA HIS B 306 -9.53 -17.88 -16.15
C HIS B 306 -9.93 -16.57 -15.48
N VAL B 307 -11.18 -16.18 -15.68
CA VAL B 307 -11.74 -15.02 -15.04
C VAL B 307 -12.75 -15.66 -14.09
N THR B 308 -13.17 -14.94 -13.05
CA THR B 308 -14.10 -15.54 -12.09
C THR B 308 -15.58 -15.51 -12.45
N THR B 309 -15.95 -14.70 -13.43
CA THR B 309 -17.33 -14.60 -13.89
C THR B 309 -17.16 -14.50 -15.41
N PRO B 310 -18.20 -14.83 -16.22
CA PRO B 310 -17.99 -14.71 -17.67
C PRO B 310 -17.86 -13.23 -18.01
N GLY B 311 -18.80 -12.48 -17.42
CA GLY B 311 -18.89 -11.04 -17.55
C GLY B 311 -17.70 -10.30 -16.97
N SER B 312 -16.64 -11.02 -16.61
CA SER B 312 -15.44 -10.37 -16.12
C SER B 312 -14.78 -9.75 -17.34
N ILE B 313 -14.90 -10.44 -18.49
CA ILE B 313 -14.30 -9.95 -19.75
C ILE B 313 -14.79 -8.52 -20.09
N PRO B 314 -16.11 -8.32 -20.27
CA PRO B 314 -16.60 -6.99 -20.59
C PRO B 314 -16.21 -6.01 -19.50
N THR B 315 -16.35 -6.44 -18.26
CA THR B 315 -16.00 -5.63 -17.10
C THR B 315 -14.56 -5.15 -17.22
N ILE B 316 -13.65 -6.11 -17.36
CA ILE B 316 -12.23 -5.86 -17.46
C ILE B 316 -11.91 -4.99 -18.63
N CYS B 317 -12.57 -5.26 -19.73
CA CYS B 317 -12.39 -4.50 -20.97
C CYS B 317 -12.66 -3.00 -20.75
N ASP B 318 -13.81 -2.69 -20.18
CA ASP B 318 -14.18 -1.31 -19.96
C ASP B 318 -13.34 -0.57 -18.94
N LEU B 319 -12.92 -1.27 -17.88
CA LEU B 319 -12.09 -0.67 -16.85
C LEU B 319 -10.83 -0.20 -17.54
N ALA B 320 -10.26 -1.06 -18.36
CA ALA B 320 -9.03 -0.74 -19.06
C ALA B 320 -9.27 0.40 -20.02
N ARG B 321 -10.34 0.30 -20.79
CA ARG B 321 -10.68 1.34 -21.75
C ARG B 321 -11.04 2.68 -21.07
N THR B 322 -11.58 2.60 -19.85
CA THR B 322 -11.95 3.79 -19.07
C THR B 322 -10.71 4.45 -18.45
N PHE B 323 -9.78 3.61 -17.96
CA PHE B 323 -8.52 4.05 -17.37
C PHE B 323 -7.79 4.87 -18.41
N ALA B 324 -7.62 4.27 -19.58
CA ALA B 324 -6.91 4.87 -20.69
C ALA B 324 -7.50 6.20 -21.13
N ARG B 325 -8.81 6.22 -21.27
CA ARG B 325 -9.57 7.39 -21.69
C ARG B 325 -9.46 8.57 -20.69
N GLU B 326 -9.32 8.25 -19.42
CA GLU B 326 -9.25 9.26 -18.38
C GLU B 326 -7.84 9.61 -17.91
N MET B 327 -6.93 8.66 -17.97
CA MET B 327 -5.57 8.91 -17.48
C MET B 327 -4.41 8.78 -18.44
N GLY B 328 -4.61 8.17 -19.60
CA GLY B 328 -3.52 7.99 -20.53
C GLY B 328 -3.13 9.21 -21.35
N GLU B 329 -2.05 9.04 -22.11
CA GLU B 329 -1.51 10.07 -23.02
C GLU B 329 -0.96 11.29 -22.30
S SO4 C . -5.34 5.93 23.71
O1 SO4 C . -4.79 4.65 23.77
O2 SO4 C . -5.00 6.65 24.84
O3 SO4 C . -4.86 6.63 22.54
O4 SO4 C . -6.74 5.75 23.76
C2 ID2 D . -1.29 9.70 14.03
C4 ID2 D . -1.56 7.53 12.87
C5 ID2 D . -1.66 6.94 14.12
C6 ID2 D . -1.58 7.69 15.27
O2 ID2 D . -1.10 10.92 13.83
O5' ID2 D . -1.93 7.01 18.45
C5' ID2 D . -0.85 7.48 19.20
C4' ID2 D . -0.61 8.93 18.72
O4' ID2 D . -0.38 8.92 17.30
C1' ID2 D . -1.28 9.77 16.53
N1 ID2 D . -1.41 9.05 15.24
N3 ID2 D . -1.38 8.88 12.94
O4 ID2 D . -1.62 6.94 11.79
I ID2 D . -1.90 4.83 14.18
C2' ID2 D . -2.47 9.77 17.46
C3' ID2 D . -1.89 9.76 18.84
O3' ID2 D . -1.62 11.05 19.21
S SO4 E . 9.70 4.30 -22.34
O1 SO4 E . 10.29 3.06 -22.24
O2 SO4 E . 8.30 4.07 -22.37
O3 SO4 E . 10.05 5.07 -21.18
O4 SO4 E . 10.21 4.82 -23.56
C2 ID2 F . 8.97 8.02 -11.36
C4 ID2 F . 7.43 6.25 -10.59
C5 ID2 F . 7.10 6.06 -12.03
C6 ID2 F . 7.71 6.84 -13.02
O2 ID2 F . 9.79 8.85 -11.02
O5' ID2 F . 7.57 7.12 -16.11
C5' ID2 F . 7.42 8.41 -16.49
C4' ID2 F . 8.43 9.25 -15.77
O4' ID2 F . 8.18 9.20 -14.36
C1' ID2 F . 9.26 8.68 -13.67
N1 ID2 F . 8.63 7.83 -12.69
N3 ID2 F . 8.36 7.25 -10.40
O4 ID2 F . 6.99 5.61 -9.61
I ID2 F . 5.76 4.51 -12.53
C2' ID2 F . 9.93 7.94 -14.77
C3' ID2 F . 9.78 8.81 -15.98
O3' ID2 F . 10.60 9.86 -15.76
#